data_4RXI
#
_entry.id   4RXI
#
_cell.length_a   43.353
_cell.length_b   60.715
_cell.length_c   57.524
_cell.angle_alpha   90.00
_cell.angle_beta   104.61
_cell.angle_gamma   90.00
#
_symmetry.space_group_name_H-M   'P 1 21 1'
#
loop_
_entity.id
_entity.type
_entity.pdbx_description
1 polymer 'hypothetical protein lpg0944'
2 water water
#
_entity_poly.entity_id   1
_entity_poly.type   'polypeptide(L)'
_entity_poly.pdbx_seq_one_letter_code
;TGRQEVRAESQFPGTRRPVSATIPGNFAAYHELWRNAFQEI(MSE)NDPRHQLHRNDVEYKKIHAIRTVLDDYTKGGNTW
WAKFRRIFTFHWNRHHVKVVDDIVKEIDAGNYTTSRALVDRLDNLAISLGSKLNPKGTLKEQIGFIKIQEQNPVEEIENL
SRPNLT
;
_entity_poly.pdbx_strand_id   A,B
#
# COMPACT_ATOMS: atom_id res chain seq x y z
N THR A 22 5.39 -16.60 20.20
CA THR A 22 5.63 -15.66 21.28
C THR A 22 6.93 -14.86 21.04
N ILE A 23 7.98 -15.54 20.56
CA ILE A 23 9.13 -14.83 19.99
C ILE A 23 9.03 -14.89 18.47
N PRO A 24 8.74 -13.75 17.81
CA PRO A 24 8.52 -13.80 16.35
C PRO A 24 9.79 -14.16 15.58
N GLY A 25 9.68 -15.14 14.70
CA GLY A 25 10.84 -15.71 14.04
C GLY A 25 11.09 -15.21 12.64
N ASN A 26 10.31 -14.20 12.21
CA ASN A 26 10.50 -13.52 10.93
C ASN A 26 9.80 -12.17 10.97
N PHE A 27 10.04 -11.34 9.96
CA PHE A 27 9.52 -9.99 9.98
C PHE A 27 7.98 -9.98 9.95
N ALA A 28 7.37 -10.86 9.15
CA ALA A 28 5.90 -10.92 9.08
C ALA A 28 5.28 -11.29 10.43
N ALA A 29 5.91 -12.21 11.16
CA ALA A 29 5.43 -12.59 12.49
C ALA A 29 5.54 -11.43 13.48
N TYR A 30 6.63 -10.69 13.42
CA TYR A 30 6.72 -9.47 14.24
C TYR A 30 5.59 -8.49 13.87
N HIS A 31 5.35 -8.32 12.58
CA HIS A 31 4.34 -7.36 12.16
C HIS A 31 2.98 -7.80 12.66
N GLU A 32 2.73 -9.10 12.70
CA GLU A 32 1.47 -9.61 13.24
C GLU A 32 1.30 -9.25 14.73
N LEU A 33 2.36 -9.38 15.53
CA LEU A 33 2.31 -8.96 16.93
C LEU A 33 2.05 -7.48 16.99
N TRP A 34 2.73 -6.73 16.11
CA TRP A 34 2.60 -5.28 16.09
C TRP A 34 1.17 -4.86 15.76
N ARG A 35 0.56 -5.53 14.79
CA ARG A 35 -0.83 -5.22 14.39
CA ARG A 35 -0.81 -5.20 14.40
C ARG A 35 -1.79 -5.38 15.56
N ASN A 36 -1.61 -6.45 16.34
N ASN A 36 -1.60 -6.45 16.32
CA ASN A 36 -2.49 -6.68 17.47
CA ASN A 36 -2.46 -6.71 17.47
C ASN A 36 -2.34 -5.60 18.53
C ASN A 36 -2.33 -5.62 18.53
N ALA A 37 -1.10 -5.16 18.75
CA ALA A 37 -0.85 -4.07 19.69
C ALA A 37 -1.45 -2.79 19.16
N PHE A 38 -1.22 -2.51 17.87
CA PHE A 38 -1.63 -1.25 17.29
C PHE A 38 -3.15 -1.10 17.38
N GLN A 39 -3.84 -2.19 17.08
CA GLN A 39 -5.30 -2.22 17.11
C GLN A 39 -5.81 -1.96 18.53
N GLU A 40 -5.15 -2.55 19.52
CA GLU A 40 -5.56 -2.33 20.91
C GLU A 40 -5.38 -0.88 21.29
N ILE A 41 -4.24 -0.31 20.91
CA ILE A 41 -3.95 1.09 21.21
C ILE A 41 -4.96 2.03 20.55
N ASN A 43 -8.00 1.43 19.70
CA ASN A 43 -9.32 1.27 20.29
C ASN A 43 -9.42 1.78 21.73
N ASP A 44 -8.32 2.32 22.25
CA ASP A 44 -8.28 2.90 23.59
C ASP A 44 -9.30 4.04 23.74
N PRO A 45 -10.12 4.01 24.79
CA PRO A 45 -11.16 5.02 25.01
C PRO A 45 -10.61 6.45 25.08
N ARG A 46 -9.36 6.58 25.51
CA ARG A 46 -8.76 7.90 25.71
C ARG A 46 -8.50 8.66 24.41
N HIS A 47 -8.66 8.01 23.26
CA HIS A 47 -8.51 8.73 22.01
C HIS A 47 -9.73 9.60 21.77
N GLN A 48 -10.85 9.19 22.37
CA GLN A 48 -12.13 9.86 22.16
C GLN A 48 -12.42 10.02 20.67
N LEU A 49 -12.26 8.93 19.93
CA LEU A 49 -12.52 8.95 18.49
C LEU A 49 -13.83 8.26 18.16
N HIS A 50 -14.58 8.88 17.26
CA HIS A 50 -15.88 8.37 16.84
C HIS A 50 -15.80 8.09 15.35
N ARG A 51 -16.55 7.12 14.85
CA ARG A 51 -16.40 6.76 13.44
C ARG A 51 -16.97 7.78 12.46
N ASN A 52 -17.72 8.77 12.98
CA ASN A 52 -18.21 9.87 12.15
C ASN A 52 -17.38 11.14 12.32
N ASP A 53 -16.27 11.04 13.05
CA ASP A 53 -15.31 12.12 13.11
C ASP A 53 -14.72 12.38 11.73
N VAL A 54 -14.28 13.61 11.49
CA VAL A 54 -13.62 13.93 10.24
C VAL A 54 -12.40 13.03 10.10
N GLU A 55 -12.00 12.73 8.87
CA GLU A 55 -10.90 11.81 8.67
C GLU A 55 -9.58 12.39 9.18
N TYR A 56 -9.41 13.71 9.09
CA TYR A 56 -8.17 14.33 9.54
C TYR A 56 -7.90 13.99 11.00
N LYS A 57 -8.96 13.98 11.82
CA LYS A 57 -8.82 13.70 13.24
C LYS A 57 -8.35 12.26 13.47
N LYS A 58 -8.91 11.33 12.71
CA LYS A 58 -8.48 9.93 12.79
C LYS A 58 -7.03 9.76 12.36
N ILE A 59 -6.69 10.34 11.21
CA ILE A 59 -5.35 10.24 10.66
C ILE A 59 -4.33 10.84 11.62
N HIS A 60 -4.66 11.99 12.19
CA HIS A 60 -3.73 12.61 13.13
C HIS A 60 -3.52 11.76 14.39
N ALA A 61 -4.58 11.15 14.90
CA ALA A 61 -4.43 10.29 16.09
C ALA A 61 -3.56 9.07 15.74
N ILE A 62 -3.75 8.51 14.55
CA ILE A 62 -2.94 7.39 14.15
C ILE A 62 -1.48 7.82 14.01
N ARG A 63 -1.27 8.99 13.42
CA ARG A 63 0.07 9.51 13.23
C ARG A 63 0.77 9.69 14.57
N THR A 64 0.05 10.21 15.56
CA THR A 64 0.63 10.40 16.89
C THR A 64 1.11 9.08 17.47
N VAL A 65 0.28 8.06 17.37
CA VAL A 65 0.64 6.73 17.88
C VAL A 65 1.82 6.11 17.12
N LEU A 66 1.85 6.27 15.81
CA LEU A 66 2.96 5.75 15.02
C LEU A 66 4.25 6.50 15.33
N ASP A 67 4.14 7.83 15.44
CA ASP A 67 5.32 8.63 15.77
C ASP A 67 5.90 8.18 17.11
N ASP A 68 5.03 7.95 18.09
CA ASP A 68 5.49 7.55 19.42
C ASP A 68 6.23 6.20 19.31
N TYR A 69 5.67 5.31 18.50
CA TYR A 69 6.31 4.02 18.22
C TYR A 69 7.74 4.16 17.70
N THR A 70 7.97 5.10 16.78
CA THR A 70 9.29 5.30 16.19
C THR A 70 10.25 5.98 17.15
N LYS A 71 9.74 6.50 18.27
CA LYS A 71 10.57 7.20 19.22
C LYS A 71 10.73 6.42 20.51
N GLY A 72 10.45 5.13 20.48
CA GLY A 72 10.68 4.29 21.65
C GLY A 72 9.43 3.84 22.37
N GLY A 73 8.27 4.35 21.95
CA GLY A 73 6.99 3.90 22.49
C GLY A 73 6.66 4.28 23.92
N ASN A 74 7.24 5.37 24.40
CA ASN A 74 7.09 5.75 25.80
C ASN A 74 5.74 6.33 26.18
N THR A 75 4.95 6.77 25.21
CA THR A 75 3.66 7.36 25.53
C THR A 75 2.50 6.37 25.39
N TRP A 76 2.44 5.66 24.27
CA TRP A 76 1.28 4.81 23.98
C TRP A 76 1.59 3.31 24.00
N TRP A 77 2.86 2.95 23.87
CA TRP A 77 3.24 1.54 23.71
C TRP A 77 3.84 0.87 24.95
N ALA A 78 3.76 1.50 26.12
CA ALA A 78 4.42 0.96 27.32
C ALA A 78 4.01 -0.49 27.64
N LYS A 79 2.73 -0.81 27.47
CA LYS A 79 2.21 -2.16 27.71
C LYS A 79 2.90 -3.20 26.82
N PHE A 80 3.37 -2.76 25.66
CA PHE A 80 3.97 -3.65 24.67
C PHE A 80 5.47 -3.42 24.57
N ARG A 81 6.05 -2.96 25.66
CA ARG A 81 7.47 -2.64 25.74
C ARG A 81 8.37 -3.77 25.24
N ARG A 82 7.88 -4.99 25.41
CA ARG A 82 8.58 -6.20 24.97
C ARG A 82 8.95 -6.18 23.47
N ILE A 83 8.09 -5.62 22.62
CA ILE A 83 8.36 -5.72 21.19
C ILE A 83 9.56 -4.88 20.77
N PHE A 84 9.91 -3.87 21.56
CA PHE A 84 11.01 -3.01 21.16
C PHE A 84 12.37 -3.72 21.30
N THR A 85 12.40 -4.83 22.04
CA THR A 85 13.64 -5.58 22.19
C THR A 85 13.86 -6.60 21.07
N PHE A 86 12.80 -6.96 20.34
CA PHE A 86 12.92 -8.00 19.33
C PHE A 86 13.82 -7.55 18.17
N HIS A 87 14.49 -8.51 17.53
CA HIS A 87 15.39 -8.25 16.41
C HIS A 87 14.73 -7.41 15.32
N TRP A 88 13.48 -7.76 15.00
CA TRP A 88 12.74 -7.14 13.90
C TRP A 88 12.33 -5.71 14.15
N ASN A 89 12.43 -5.26 15.40
CA ASN A 89 11.91 -3.94 15.74
C ASN A 89 12.60 -2.84 14.95
N ARG A 90 13.91 -2.92 14.83
CA ARG A 90 14.66 -1.85 14.18
C ARG A 90 14.18 -1.59 12.75
N HIS A 91 14.08 -2.64 11.94
CA HIS A 91 13.63 -2.44 10.59
C HIS A 91 12.15 -2.04 10.54
N HIS A 92 11.33 -2.62 11.41
CA HIS A 92 9.91 -2.30 11.42
C HIS A 92 9.70 -0.82 11.78
N VAL A 93 10.49 -0.32 12.73
CA VAL A 93 10.43 1.09 13.09
C VAL A 93 10.82 1.94 11.88
N LYS A 94 11.81 1.49 11.10
CA LYS A 94 12.21 2.26 9.92
C LYS A 94 11.08 2.33 8.89
N VAL A 95 10.35 1.22 8.71
CA VAL A 95 9.22 1.24 7.78
C VAL A 95 8.09 2.14 8.29
N VAL A 96 7.77 2.06 9.58
CA VAL A 96 6.72 2.91 10.14
C VAL A 96 7.12 4.38 10.06
N ASP A 97 8.39 4.66 10.26
CA ASP A 97 8.88 6.03 10.09
C ASP A 97 8.66 6.57 8.68
N ASP A 98 8.85 5.69 7.70
CA ASP A 98 8.58 6.06 6.31
C ASP A 98 7.10 6.35 6.12
N ILE A 99 6.24 5.57 6.78
CA ILE A 99 4.79 5.80 6.65
C ILE A 99 4.40 7.11 7.34
N VAL A 100 5.02 7.44 8.47
CA VAL A 100 4.71 8.73 9.10
C VAL A 100 5.08 9.86 8.13
N LYS A 101 6.19 9.69 7.43
CA LYS A 101 6.56 10.66 6.41
C LYS A 101 5.51 10.73 5.30
N GLU A 102 4.95 9.58 4.94
CA GLU A 102 3.90 9.54 3.93
C GLU A 102 2.67 10.29 4.39
N ILE A 103 2.36 10.18 5.67
CA ILE A 103 1.27 10.98 6.24
C ILE A 103 1.61 12.45 6.14
N ASP A 104 2.84 12.80 6.51
CA ASP A 104 3.23 14.22 6.54
C ASP A 104 3.21 14.81 5.14
N ALA A 105 3.48 13.96 4.15
CA ALA A 105 3.51 14.41 2.75
C ALA A 105 2.10 14.57 2.20
N GLY A 106 1.11 14.11 2.95
CA GLY A 106 -0.28 14.25 2.53
C GLY A 106 -0.83 13.12 1.67
N ASN A 107 -0.23 11.95 1.74
CA ASN A 107 -0.66 10.83 0.90
C ASN A 107 -2.01 10.21 1.31
N TYR A 108 -2.45 10.48 2.55
CA TYR A 108 -3.67 9.84 3.04
C TYR A 108 -4.79 10.82 3.29
N THR A 109 -5.93 10.57 2.64
CA THR A 109 -7.11 11.40 2.87
C THR A 109 -8.11 10.65 3.76
N THR A 110 -8.03 9.33 3.82
CA THR A 110 -8.86 8.58 4.76
CA THR A 110 -8.86 8.54 4.74
C THR A 110 -8.03 7.68 5.68
N SER A 111 -8.55 7.46 6.88
CA SER A 111 -7.84 6.62 7.84
C SER A 111 -7.89 5.17 7.37
N ARG A 112 -8.92 4.83 6.60
CA ARG A 112 -9.05 3.48 6.04
C ARG A 112 -7.86 3.12 5.17
N ALA A 113 -7.49 4.04 4.27
CA ALA A 113 -6.33 3.82 3.41
C ALA A 113 -5.05 3.74 4.24
N LEU A 114 -4.93 4.60 5.24
CA LEU A 114 -3.75 4.55 6.13
C LEU A 114 -3.62 3.21 6.85
N VAL A 115 -4.71 2.68 7.41
CA VAL A 115 -4.55 1.43 8.13
C VAL A 115 -4.37 0.28 7.16
N ASP A 116 -4.83 0.42 5.90
CA ASP A 116 -4.51 -0.60 4.89
C ASP A 116 -3.02 -0.63 4.59
N ARG A 117 -2.41 0.55 4.47
CA ARG A 117 -0.95 0.65 4.32
C ARG A 117 -0.26 -0.07 5.47
N LEU A 118 -0.67 0.25 6.70
CA LEU A 118 -0.09 -0.38 7.89
C LEU A 118 -0.30 -1.89 7.88
N ASP A 119 -1.52 -2.31 7.53
CA ASP A 119 -1.85 -3.74 7.46
C ASP A 119 -0.83 -4.52 6.62
N ASN A 120 -0.52 -3.95 5.46
CA ASN A 120 0.20 -4.68 4.41
C ASN A 120 1.67 -4.33 4.28
N LEU A 121 2.24 -3.67 5.29
CA LEU A 121 3.60 -3.17 5.15
C LEU A 121 4.64 -4.29 5.13
N ALA A 122 4.28 -5.48 5.58
CA ALA A 122 5.29 -6.55 5.69
C ALA A 122 5.37 -7.39 4.45
N ILE A 123 4.42 -7.24 3.54
CA ILE A 123 4.42 -8.10 2.35
C ILE A 123 5.18 -7.43 1.20
N SER A 124 5.73 -8.26 0.33
CA SER A 124 6.44 -7.77 -0.84
C SER A 124 6.23 -8.65 -2.04
N LEU A 125 6.43 -8.10 -3.24
CA LEU A 125 6.33 -8.86 -4.48
C LEU A 125 7.60 -9.68 -4.72
N GLY A 126 7.49 -10.70 -5.56
CA GLY A 126 8.63 -11.52 -5.93
C GLY A 126 9.11 -12.49 -4.86
N SER A 127 10.36 -12.91 -4.97
CA SER A 127 10.97 -13.82 -4.00
C SER A 127 12.48 -13.64 -3.99
N LYS A 128 13.13 -14.04 -2.90
CA LYS A 128 14.54 -13.77 -2.62
C LYS A 128 15.48 -14.00 -3.81
N GLY A 133 -9.47 -10.37 11.33
CA GLY A 133 -9.54 -9.85 9.96
C GLY A 133 -8.57 -8.73 9.69
N THR A 134 -8.96 -7.80 8.82
CA THR A 134 -8.11 -6.66 8.52
C THR A 134 -8.11 -5.67 9.67
N LEU A 135 -7.12 -4.79 9.67
CA LEU A 135 -7.03 -3.72 10.65
C LEU A 135 -8.25 -2.79 10.60
N LYS A 136 -8.75 -2.51 9.40
CA LYS A 136 -9.99 -1.73 9.20
C LYS A 136 -11.13 -2.24 10.06
N GLU A 137 -11.32 -3.55 10.03
CA GLU A 137 -12.45 -4.17 10.68
C GLU A 137 -12.26 -4.17 12.20
N GLN A 138 -11.01 -4.26 12.65
CA GLN A 138 -10.69 -4.38 14.07
C GLN A 138 -10.76 -3.06 14.81
N ILE A 139 -10.63 -1.96 14.08
CA ILE A 139 -10.61 -0.66 14.72
C ILE A 139 -11.99 -0.02 14.66
N GLY A 140 -12.55 0.27 15.83
CA GLY A 140 -13.91 0.77 15.96
C GLY A 140 -14.26 2.00 15.14
N PHE A 141 -13.37 3.00 15.10
CA PHE A 141 -13.74 4.25 14.44
C PHE A 141 -13.57 4.23 12.92
N ILE A 142 -13.31 3.06 12.34
CA ILE A 142 -13.14 2.96 10.89
C ILE A 142 -14.24 2.11 10.25
N THR B 22 -5.21 18.78 -8.09
CA THR B 22 -5.34 18.26 -9.45
C THR B 22 -6.42 17.19 -9.57
N ILE B 23 -7.53 17.59 -10.16
CA ILE B 23 -8.60 16.68 -10.55
C ILE B 23 -8.42 16.36 -12.01
N PRO B 24 -8.19 15.08 -12.37
CA PRO B 24 -8.02 14.80 -13.80
C PRO B 24 -9.30 15.09 -14.60
N GLY B 25 -9.19 15.87 -15.67
CA GLY B 25 -10.35 16.32 -16.42
C GLY B 25 -10.65 15.49 -17.64
N ASN B 26 -9.87 14.45 -17.87
CA ASN B 26 -10.16 13.47 -18.91
C ASN B 26 -9.50 12.14 -18.59
N PHE B 27 -9.84 11.10 -19.35
CA PHE B 27 -9.33 9.76 -19.14
C PHE B 27 -7.81 9.71 -19.21
N ALA B 28 -7.21 10.34 -20.22
CA ALA B 28 -5.76 10.33 -20.36
C ALA B 28 -5.08 10.97 -19.14
N ALA B 29 -5.63 12.07 -18.65
CA ALA B 29 -5.10 12.72 -17.45
C ALA B 29 -5.17 11.78 -16.26
N TYR B 30 -6.24 11.01 -16.16
CA TYR B 30 -6.33 10.06 -15.06
C TYR B 30 -5.27 8.97 -15.24
N HIS B 31 -5.14 8.47 -16.46
CA HIS B 31 -4.18 7.41 -16.73
C HIS B 31 -2.75 7.85 -16.40
N GLU B 32 -2.46 9.13 -16.66
CA GLU B 32 -1.17 9.69 -16.31
C GLU B 32 -0.88 9.60 -14.81
N LEU B 33 -1.87 9.97 -14.00
CA LEU B 33 -1.76 9.84 -12.54
C LEU B 33 -1.55 8.38 -12.17
N TRP B 34 -2.32 7.50 -12.80
CA TRP B 34 -2.24 6.06 -12.52
C TRP B 34 -0.85 5.50 -12.87
N ARG B 35 -0.30 5.94 -13.99
CA ARG B 35 1.03 5.47 -14.43
C ARG B 35 2.09 5.82 -13.39
N ASN B 36 2.00 7.04 -12.85
CA ASN B 36 2.94 7.49 -11.83
C ASN B 36 2.81 6.67 -10.56
N ALA B 37 1.58 6.34 -10.19
CA ALA B 37 1.35 5.52 -9.01
C ALA B 37 1.89 4.09 -9.27
N PHE B 38 1.57 3.54 -10.44
CA PHE B 38 2.00 2.20 -10.82
C PHE B 38 3.52 2.05 -10.75
N GLN B 39 4.20 3.02 -11.35
CA GLN B 39 5.65 3.03 -11.38
C GLN B 39 6.24 3.03 -9.98
N GLU B 40 5.72 3.89 -9.11
CA GLU B 40 6.21 3.95 -7.74
C GLU B 40 6.03 2.62 -7.00
N ILE B 41 4.87 2.00 -7.16
CA ILE B 41 4.62 0.69 -6.56
C ILE B 41 5.63 -0.35 -7.04
N ASN B 43 8.50 0.07 -8.39
CA ASN B 43 9.89 0.44 -8.06
C ASN B 43 10.23 0.38 -6.57
N ASP B 44 9.24 0.05 -5.75
CA ASP B 44 9.44 -0.04 -4.30
C ASP B 44 10.57 -0.99 -3.94
N PRO B 45 11.55 -0.52 -3.15
CA PRO B 45 12.71 -1.34 -2.78
C PRO B 45 12.36 -2.60 -2.00
N ARG B 46 11.20 -2.67 -1.36
CA ARG B 46 10.86 -3.86 -0.60
C ARG B 46 10.60 -5.08 -1.50
N HIS B 47 10.31 -4.84 -2.77
CA HIS B 47 10.00 -5.95 -3.68
C HIS B 47 11.26 -6.71 -4.03
N GLN B 48 11.12 -8.02 -4.14
CA GLN B 48 12.25 -8.88 -4.42
C GLN B 48 12.22 -9.15 -5.91
N LEU B 49 12.45 -8.07 -6.66
CA LEU B 49 12.41 -8.09 -8.12
C LEU B 49 13.72 -7.51 -8.63
N HIS B 50 14.24 -8.11 -9.70
CA HIS B 50 15.52 -7.72 -10.24
C HIS B 50 15.46 -7.82 -11.75
N ARG B 51 16.27 -7.01 -12.44
CA ARG B 51 16.28 -7.05 -13.90
C ARG B 51 16.66 -8.44 -14.42
N ASN B 52 17.47 -9.16 -13.65
CA ASN B 52 17.92 -10.50 -14.05
C ASN B 52 16.91 -11.60 -13.79
N ASP B 53 15.81 -11.26 -13.12
CA ASP B 53 14.75 -12.24 -12.90
C ASP B 53 14.20 -12.72 -14.22
N VAL B 54 13.66 -13.94 -14.24
CA VAL B 54 13.02 -14.46 -15.43
C VAL B 54 11.75 -13.65 -15.65
N GLU B 55 11.33 -13.56 -16.91
CA GLU B 55 10.22 -12.69 -17.26
C GLU B 55 8.93 -13.12 -16.59
N TYR B 56 8.71 -14.42 -16.46
CA TYR B 56 7.50 -14.91 -15.81
C TYR B 56 7.33 -14.31 -14.41
N LYS B 57 8.42 -14.17 -13.67
CA LYS B 57 8.36 -13.61 -12.33
C LYS B 57 7.95 -12.14 -12.38
N LYS B 58 8.49 -11.41 -13.36
CA LYS B 58 8.19 -10.00 -13.48
C LYS B 58 6.72 -9.82 -13.85
N ILE B 59 6.25 -10.65 -14.78
CA ILE B 59 4.87 -10.57 -15.25
C ILE B 59 3.89 -10.88 -14.12
N HIS B 60 4.21 -11.90 -13.34
CA HIS B 60 3.30 -12.28 -12.26
C HIS B 60 3.22 -11.17 -11.22
N ALA B 61 4.33 -10.49 -10.96
CA ALA B 61 4.32 -9.40 -9.97
C ALA B 61 3.48 -8.25 -10.50
N ILE B 62 3.63 -7.93 -11.78
CA ILE B 62 2.78 -6.90 -12.38
C ILE B 62 1.32 -7.30 -12.31
N ARG B 63 1.03 -8.54 -12.68
CA ARG B 63 -0.36 -9.03 -12.63
C ARG B 63 -0.97 -8.90 -11.24
N THR B 64 -0.17 -9.19 -10.22
CA THR B 64 -0.65 -9.13 -8.83
C THR B 64 -1.08 -7.71 -8.45
N VAL B 65 -0.29 -6.73 -8.88
CA VAL B 65 -0.59 -5.32 -8.59
C VAL B 65 -1.80 -4.85 -9.42
N LEU B 66 -1.88 -5.24 -10.68
CA LEU B 66 -3.04 -4.91 -11.51
C LEU B 66 -4.32 -5.54 -10.97
N ASP B 67 -4.25 -6.81 -10.58
CA ASP B 67 -5.43 -7.50 -10.09
C ASP B 67 -5.93 -6.83 -8.80
N ASP B 68 -5.02 -6.46 -7.91
CA ASP B 68 -5.42 -5.75 -6.69
C ASP B 68 -6.08 -4.40 -7.02
N TYR B 69 -5.53 -3.69 -7.99
CA TYR B 69 -6.11 -2.43 -8.46
C TYR B 69 -7.59 -2.60 -8.85
N THR B 70 -7.92 -3.73 -9.50
CA THR B 70 -9.28 -3.94 -9.99
C THR B 70 -10.20 -4.38 -8.87
N LYS B 71 -9.62 -4.72 -7.71
CA LYS B 71 -10.41 -5.09 -6.54
C LYS B 71 -10.39 -4.04 -5.43
N GLY B 72 -10.20 -2.78 -5.77
CA GLY B 72 -10.23 -1.72 -4.75
C GLY B 72 -8.87 -1.25 -4.27
N GLY B 73 -7.81 -1.99 -4.60
CA GLY B 73 -6.45 -1.53 -4.34
C GLY B 73 -6.06 -1.59 -2.87
N ASN B 74 -6.73 -2.45 -2.14
CA ASN B 74 -6.52 -2.53 -0.69
C ASN B 74 -5.15 -3.04 -0.27
N THR B 75 -4.51 -3.86 -1.11
CA THR B 75 -3.26 -4.47 -0.71
C THR B 75 -2.02 -3.66 -1.14
N TRP B 76 -2.01 -3.15 -2.37
CA TRP B 76 -0.82 -2.52 -2.92
C TRP B 76 -0.99 -1.04 -3.20
N TRP B 77 -2.23 -0.55 -3.14
CA TRP B 77 -2.49 0.80 -3.61
C TRP B 77 -2.91 1.76 -2.51
N ALA B 78 -2.66 1.42 -1.25
CA ALA B 78 -3.18 2.23 -0.14
C ALA B 78 -2.67 3.68 -0.19
N LYS B 79 -1.41 3.83 -0.58
CA LYS B 79 -0.80 5.14 -0.65
C LYS B 79 -1.43 6.01 -1.73
N PHE B 80 -2.12 5.40 -2.70
CA PHE B 80 -2.68 6.12 -3.84
C PHE B 80 -4.19 5.98 -3.93
N ARG B 81 -4.81 5.59 -2.83
N ARG B 81 -4.81 5.60 -2.83
CA ARG B 81 -6.24 5.36 -2.73
CA ARG B 81 -6.25 5.33 -2.78
C ARG B 81 -7.09 6.53 -3.24
C ARG B 81 -7.11 6.53 -3.23
N ARG B 82 -6.56 7.74 -3.12
CA ARG B 82 -7.28 8.95 -3.55
C ARG B 82 -7.70 8.90 -5.00
N ILE B 83 -6.86 8.25 -5.79
CA ILE B 83 -7.09 8.04 -7.21
C ILE B 83 -8.41 7.31 -7.48
N PHE B 84 -8.82 6.43 -6.58
CA PHE B 84 -10.00 5.61 -6.85
C PHE B 84 -11.31 6.42 -6.84
N THR B 85 -11.29 7.60 -6.23
CA THR B 85 -12.50 8.39 -6.10
CA THR B 85 -12.53 8.37 -6.12
C THR B 85 -12.80 9.18 -7.38
N PHE B 86 -11.79 9.37 -8.22
CA PHE B 86 -12.00 10.18 -9.44
C PHE B 86 -12.97 9.49 -10.41
N HIS B 87 -13.73 10.28 -11.17
CA HIS B 87 -14.72 9.75 -12.09
C HIS B 87 -14.16 8.68 -13.03
N TRP B 88 -12.93 8.89 -13.49
CA TRP B 88 -12.35 8.02 -14.53
C TRP B 88 -12.00 6.64 -14.04
N ASN B 89 -11.97 6.48 -12.73
CA ASN B 89 -11.46 5.24 -12.15
C ASN B 89 -12.25 4.01 -12.58
N ARG B 90 -13.58 4.12 -12.60
CA ARG B 90 -14.36 2.92 -12.88
C ARG B 90 -14.11 2.40 -14.29
N HIS B 91 -14.02 3.29 -15.28
CA HIS B 91 -13.74 2.80 -16.61
C HIS B 91 -12.28 2.35 -16.76
N HIS B 92 -11.36 3.01 -16.06
CA HIS B 92 -9.95 2.61 -16.17
C HIS B 92 -9.76 1.20 -15.56
N VAL B 93 -10.47 0.94 -14.46
CA VAL B 93 -10.45 -0.37 -13.83
C VAL B 93 -10.98 -1.43 -14.79
N LYS B 94 -12.00 -1.10 -15.57
CA LYS B 94 -12.50 -2.04 -16.59
C LYS B 94 -11.41 -2.44 -17.59
N VAL B 95 -10.67 -1.46 -18.09
CA VAL B 95 -9.62 -1.73 -19.07
C VAL B 95 -8.49 -2.54 -18.46
N VAL B 96 -8.10 -2.21 -17.23
CA VAL B 96 -7.02 -2.95 -16.58
C VAL B 96 -7.47 -4.39 -16.34
N ASP B 97 -8.76 -4.56 -16.06
CA ASP B 97 -9.31 -5.90 -15.87
C ASP B 97 -9.19 -6.75 -17.15
N ASP B 98 -9.43 -6.10 -18.29
CA ASP B 98 -9.24 -6.77 -19.58
C ASP B 98 -7.78 -7.17 -19.76
N ILE B 99 -6.87 -6.30 -19.33
CA ILE B 99 -5.44 -6.61 -19.43
C ILE B 99 -5.04 -7.78 -18.52
N VAL B 100 -5.62 -7.86 -17.32
CA VAL B 100 -5.31 -9.00 -16.45
C VAL B 100 -5.78 -10.30 -17.13
N LYS B 101 -6.89 -10.22 -17.86
CA LYS B 101 -7.38 -11.41 -18.55
C LYS B 101 -6.46 -11.78 -19.71
N GLU B 102 -5.88 -10.78 -20.37
CA GLU B 102 -4.88 -11.01 -21.40
C GLU B 102 -3.66 -11.71 -20.80
N ILE B 103 -3.24 -11.28 -19.61
CA ILE B 103 -2.13 -11.95 -18.93
C ILE B 103 -2.48 -13.42 -18.65
N ASP B 104 -3.66 -13.65 -18.09
CA ASP B 104 -4.07 -15.01 -17.73
C ASP B 104 -4.16 -15.89 -18.96
N ALA B 105 -4.57 -15.30 -20.08
CA ALA B 105 -4.68 -16.02 -21.34
C ALA B 105 -3.30 -16.35 -21.92
N GLY B 106 -2.26 -15.78 -21.33
CA GLY B 106 -0.90 -16.04 -21.77
C GLY B 106 -0.39 -15.16 -22.90
N ASN B 107 -0.96 -13.97 -23.05
CA ASN B 107 -0.60 -13.10 -24.19
C ASN B 107 0.78 -12.43 -24.10
N TYR B 108 1.38 -12.42 -22.92
CA TYR B 108 2.66 -11.74 -22.73
C TYR B 108 3.79 -12.69 -22.39
N THR B 109 4.90 -12.58 -23.12
CA THR B 109 6.08 -13.37 -22.77
C THR B 109 7.16 -12.47 -22.14
N THR B 110 7.07 -11.16 -22.33
CA THR B 110 8.01 -10.25 -21.68
C THR B 110 7.27 -9.20 -20.87
N SER B 111 7.91 -8.78 -19.79
CA SER B 111 7.34 -7.73 -18.95
C SER B 111 7.38 -6.40 -19.70
N ARG B 112 8.34 -6.27 -20.62
CA ARG B 112 8.46 -5.06 -21.44
C ARG B 112 7.19 -4.84 -22.25
N ALA B 113 6.70 -5.90 -22.89
CA ALA B 113 5.49 -5.80 -23.72
C ALA B 113 4.26 -5.53 -22.87
N LEU B 114 4.22 -6.09 -21.68
CA LEU B 114 3.11 -5.84 -20.77
C LEU B 114 3.12 -4.38 -20.29
N VAL B 115 4.29 -3.87 -19.95
CA VAL B 115 4.40 -2.48 -19.48
C VAL B 115 4.08 -1.49 -20.61
N ASP B 116 4.41 -1.87 -21.84
CA ASP B 116 4.02 -1.09 -23.01
C ASP B 116 2.51 -1.03 -23.15
N ARG B 117 1.85 -2.17 -22.97
CA ARG B 117 0.40 -2.25 -23.04
C ARG B 117 -0.19 -1.28 -22.05
N LEU B 118 0.32 -1.31 -20.82
CA LEU B 118 -0.17 -0.41 -19.78
C LEU B 118 0.12 1.05 -20.10
N ASP B 119 1.33 1.34 -20.56
CA ASP B 119 1.71 2.68 -20.98
C ASP B 119 0.72 3.24 -22.01
N ASN B 120 0.38 2.41 -23.00
CA ASN B 120 -0.40 2.84 -24.16
C ASN B 120 -1.90 2.69 -24.00
N LEU B 121 -2.31 2.31 -22.81
CA LEU B 121 -3.70 2.03 -22.46
C LEU B 121 -4.71 3.07 -22.96
N ALA B 122 -4.42 4.35 -22.73
CA ALA B 122 -5.37 5.40 -23.05
C ALA B 122 -5.34 5.70 -24.54
N ILE B 123 -4.15 5.74 -25.11
CA ILE B 123 -3.97 6.00 -26.53
C ILE B 123 -4.69 4.94 -27.35
N SER B 124 -4.51 3.68 -26.95
CA SER B 124 -5.11 2.51 -27.62
C SER B 124 -6.64 2.52 -27.67
N LEU B 125 -7.26 3.30 -26.78
CA LEU B 125 -8.72 3.48 -26.83
C LEU B 125 -9.06 4.61 -27.80
N THR B 134 7.45 5.97 -21.70
CA THR B 134 8.70 5.76 -20.98
C THR B 134 8.50 4.95 -19.69
N LEU B 135 7.34 4.30 -19.55
CA LEU B 135 7.07 3.50 -18.35
C LEU B 135 8.06 2.36 -18.22
N LYS B 136 8.37 1.74 -19.36
CA LYS B 136 9.40 0.72 -19.48
C LYS B 136 10.74 1.19 -18.94
N GLU B 137 11.09 2.44 -19.23
CA GLU B 137 12.37 2.99 -18.82
C GLU B 137 12.41 3.28 -17.33
N GLN B 138 11.28 3.70 -16.78
CA GLN B 138 11.24 4.18 -15.39
C GLN B 138 11.07 3.09 -14.34
N ILE B 139 10.85 1.84 -14.76
CA ILE B 139 10.77 0.76 -13.79
C ILE B 139 12.06 -0.04 -13.84
N GLY B 140 12.76 -0.10 -12.70
CA GLY B 140 14.12 -0.62 -12.64
C GLY B 140 14.30 -2.01 -13.21
N PHE B 141 13.38 -2.92 -12.91
CA PHE B 141 13.60 -4.31 -13.27
C PHE B 141 13.11 -4.69 -14.68
N ILE B 142 12.63 -3.72 -15.45
CA ILE B 142 12.18 -4.00 -16.82
C ILE B 142 13.29 -3.76 -17.83
#